data_7AJ8
#
_entry.id   7AJ8
#
_cell.length_a   81.576
_cell.length_b   81.576
_cell.length_c   123.931
_cell.angle_alpha   90.000
_cell.angle_beta   90.000
_cell.angle_gamma   90.000
#
_symmetry.space_group_name_H-M   'P 43 21 2'
#
loop_
_entity.id
_entity.type
_entity.pdbx_description
1 polymer 'Dual specificity tyrosine-phosphorylation-regulated kinase 1A'
2 non-polymer 4-(1-benzofuran-5-yl)pyridin-2-amine
3 non-polymer 'CHLORIDE ION'
4 water water
#
_entity_poly.entity_id   1
_entity_poly.type   'polypeptide(L)'
_entity_poly.pdbx_seq_one_letter_code
;MGSSHHHHHHSSGLVPRG(SEP)HMIVKNGEKWMDRYEIDSLIGKGSFGQVVKAYDRVEQEWVAIKIIKNKKAFLNQAQI
EVRLLELMNKHDTEMKYYIVHLKRHFMFRNHLCLVFEMLSYNLYDLLRNTNFRGVSLNLTRKFAQQMCTALLFLATPELS
IIHCDLKPENILLCNPKRSAIKIVDFGSSCQLGQRIYQ(PTR)IQSRFYRSPEVLLGMPYDLAIDMWSLGCILVEMHTGE
PLFSGANEVDQMNKIVEVLGIPPAHILDQAPKARKFFEKLPDGTWNLKKTKDGKREYKPPGTRKLHNILGVETGGPGGRR
AGESGHTVADYLKFKDLILRMLDYDPKTRIQPYYALQHSFFKKTADE
;
_entity_poly.pdbx_strand_id   A
#
loop_
_chem_comp.id
_chem_comp.type
_chem_comp.name
_chem_comp.formula
CL non-polymer 'CHLORIDE ION' 'Cl -1'
RJ8 non-polymer 4-(1-benzofuran-5-yl)pyridin-2-amine 'C13 H10 N2 O'
#
# COMPACT_ATOMS: atom_id res chain seq x y z
N ILE A 22 -12.85 -9.53 -23.77
CA ILE A 22 -13.68 -10.77 -23.58
C ILE A 22 -15.17 -10.38 -23.58
N VAL A 23 -15.56 -9.15 -23.18
CA VAL A 23 -16.95 -8.74 -22.83
C VAL A 23 -17.38 -7.49 -23.61
N LYS A 24 -18.54 -7.51 -24.28
CA LYS A 24 -19.09 -6.36 -25.05
C LYS A 24 -19.97 -5.48 -24.15
N ASN A 25 -20.05 -4.20 -24.45
CA ASN A 25 -20.96 -3.24 -23.77
C ASN A 25 -22.39 -3.54 -24.27
N GLY A 26 -23.38 -3.54 -23.37
CA GLY A 26 -24.79 -3.84 -23.71
C GLY A 26 -25.14 -5.30 -23.41
N GLU A 27 -24.14 -6.17 -23.41
CA GLU A 27 -24.22 -7.61 -23.02
C GLU A 27 -24.93 -7.77 -21.68
N LYS A 28 -25.80 -8.77 -21.54
CA LYS A 28 -26.60 -9.00 -20.31
C LYS A 28 -26.24 -10.38 -19.76
N TRP A 29 -26.01 -10.48 -18.46
CA TRP A 29 -25.58 -11.73 -17.77
C TRP A 29 -26.66 -12.14 -16.78
N MET A 30 -27.20 -13.36 -16.94
CA MET A 30 -27.95 -14.05 -15.87
C MET A 30 -29.19 -13.24 -15.49
N ASP A 31 -29.83 -12.60 -16.50
CA ASP A 31 -30.93 -11.62 -16.31
C ASP A 31 -30.73 -10.79 -15.04
N ARG A 32 -29.49 -10.43 -14.67
CA ARG A 32 -29.21 -9.59 -13.48
C ARG A 32 -28.33 -8.38 -13.85
N TYR A 33 -27.21 -8.56 -14.57
CA TYR A 33 -26.17 -7.52 -14.79
C TYR A 33 -26.16 -7.09 -16.26
N GLU A 34 -26.12 -5.77 -16.51
CA GLU A 34 -25.91 -5.23 -17.87
C GLU A 34 -24.55 -4.54 -17.89
N ILE A 35 -23.62 -5.07 -18.70
CA ILE A 35 -22.22 -4.59 -18.75
C ILE A 35 -22.22 -3.25 -19.49
N ASP A 36 -21.56 -2.25 -18.92
CA ASP A 36 -21.50 -0.88 -19.48
C ASP A 36 -20.12 -0.68 -20.12
N SER A 37 -19.03 -0.83 -19.37
CA SER A 37 -17.70 -0.39 -19.85
C SER A 37 -16.58 -0.99 -19.00
N LEU A 38 -15.37 -0.89 -19.53
CA LEU A 38 -14.12 -1.36 -18.89
C LEU A 38 -13.69 -0.29 -17.89
N ILE A 39 -13.48 -0.66 -16.64
CA ILE A 39 -12.94 0.27 -15.63
C ILE A 39 -11.43 0.12 -15.62
N GLY A 40 -10.94 -1.11 -15.59
CA GLY A 40 -9.49 -1.37 -15.42
C GLY A 40 -9.10 -2.77 -15.78
N LYS A 41 -7.82 -2.99 -16.03
CA LYS A 41 -7.21 -4.31 -16.32
C LYS A 41 -6.14 -4.55 -15.26
N GLY A 42 -6.00 -5.78 -14.80
CA GLY A 42 -4.94 -6.18 -13.85
C GLY A 42 -4.25 -7.43 -14.35
N SER A 43 -3.22 -7.89 -13.64
CA SER A 43 -2.62 -9.22 -13.86
C SER A 43 -3.71 -10.30 -13.70
N PHE A 44 -4.72 -10.04 -12.88
CA PHE A 44 -5.78 -11.02 -12.50
C PHE A 44 -6.87 -11.14 -13.59
N GLY A 45 -7.00 -10.15 -14.48
CA GLY A 45 -8.17 -10.08 -15.39
C GLY A 45 -8.68 -8.65 -15.54
N GLN A 46 -9.98 -8.43 -15.55
CA GLN A 46 -10.47 -7.06 -15.84
C GLN A 46 -11.60 -6.69 -14.90
N VAL A 47 -11.84 -5.39 -14.78
CA VAL A 47 -12.90 -4.84 -13.92
C VAL A 47 -13.82 -4.04 -14.84
N VAL A 48 -15.11 -4.35 -14.78
CA VAL A 48 -16.11 -3.67 -15.65
C VAL A 48 -17.16 -3.00 -14.77
N LYS A 49 -17.66 -1.87 -15.27
CA LYS A 49 -18.86 -1.24 -14.72
C LYS A 49 -20.07 -1.99 -15.28
N ALA A 50 -21.02 -2.30 -14.41
CA ALA A 50 -22.24 -3.06 -14.72
C ALA A 50 -23.43 -2.56 -13.90
N TYR A 51 -24.64 -2.64 -14.46
CA TYR A 51 -25.90 -2.31 -13.75
C TYR A 51 -26.49 -3.60 -13.17
N ASP A 52 -26.68 -3.63 -11.86
CA ASP A 52 -27.39 -4.71 -11.15
C ASP A 52 -28.88 -4.35 -11.06
N ARG A 53 -29.72 -5.08 -11.78
CA ARG A 53 -31.18 -4.84 -11.79
C ARG A 53 -31.82 -5.30 -10.48
N VAL A 54 -31.18 -6.14 -9.68
CA VAL A 54 -31.87 -6.62 -8.45
C VAL A 54 -31.75 -5.51 -7.42
N GLU A 55 -30.55 -5.02 -7.20
CA GLU A 55 -30.33 -4.03 -6.13
C GLU A 55 -30.72 -2.66 -6.68
N GLN A 56 -30.77 -2.54 -8.01
CA GLN A 56 -30.94 -1.27 -8.76
C GLN A 56 -29.83 -0.29 -8.37
N GLU A 57 -28.63 -0.66 -8.77
CA GLU A 57 -27.42 0.13 -8.50
C GLU A 57 -26.37 -0.33 -9.49
N TRP A 58 -25.39 0.54 -9.72
CA TRP A 58 -24.18 0.20 -10.48
C TRP A 58 -23.23 -0.53 -9.55
N VAL A 59 -22.49 -1.49 -10.09
CA VAL A 59 -21.44 -2.25 -9.38
C VAL A 59 -20.19 -2.35 -10.28
N ALA A 60 -19.07 -2.65 -9.66
CA ALA A 60 -17.81 -3.03 -10.33
C ALA A 60 -17.67 -4.54 -10.24
N ILE A 61 -17.53 -5.21 -11.38
CA ILE A 61 -17.34 -6.68 -11.41
C ILE A 61 -15.89 -6.96 -11.81
N LYS A 62 -15.15 -7.56 -10.89
CA LYS A 62 -13.78 -8.05 -11.13
C LYS A 62 -13.88 -9.46 -11.75
N ILE A 63 -13.49 -9.56 -13.02
CA ILE A 63 -13.63 -10.79 -13.87
C ILE A 63 -12.24 -11.43 -13.96
N ILE A 64 -12.03 -12.55 -13.27
CA ILE A 64 -10.73 -13.27 -13.24
C ILE A 64 -10.54 -14.07 -14.53
N LYS A 65 -9.32 -14.09 -15.05
CA LYS A 65 -8.94 -14.91 -16.23
C LYS A 65 -9.32 -16.37 -15.97
N ASN A 66 -9.70 -17.09 -17.03
CA ASN A 66 -10.07 -18.52 -16.99
C ASN A 66 -8.81 -19.41 -17.00
N LYS A 67 -7.89 -19.24 -16.05
CA LYS A 67 -6.66 -20.07 -15.90
C LYS A 67 -6.47 -20.41 -14.42
N LYS A 68 -6.01 -21.63 -14.14
CA LYS A 68 -5.94 -22.20 -12.76
C LYS A 68 -5.24 -21.20 -11.86
N ALA A 69 -4.14 -20.59 -12.32
CA ALA A 69 -3.27 -19.79 -11.44
C ALA A 69 -4.08 -18.63 -10.88
N PHE A 70 -4.79 -17.93 -11.76
CA PHE A 70 -5.52 -16.71 -11.39
C PHE A 70 -6.77 -17.11 -10.62
N LEU A 71 -7.46 -18.18 -11.05
CA LEU A 71 -8.66 -18.69 -10.34
C LEU A 71 -8.29 -18.96 -8.88
N ASN A 72 -7.22 -19.72 -8.64
CA ASN A 72 -6.88 -20.21 -7.28
C ASN A 72 -6.52 -19.03 -6.39
N GLN A 73 -5.79 -18.05 -6.92
CA GLN A 73 -5.38 -16.89 -6.11
C GLN A 73 -6.63 -16.03 -5.86
N ALA A 74 -7.55 -15.94 -6.83
CA ALA A 74 -8.76 -15.13 -6.65
C ALA A 74 -9.69 -15.83 -5.64
N GLN A 75 -9.66 -17.16 -5.53
CA GLN A 75 -10.47 -17.89 -4.51
C GLN A 75 -9.99 -17.51 -3.12
N ILE A 76 -8.68 -17.20 -2.96
CA ILE A 76 -8.12 -16.73 -1.66
C ILE A 76 -8.63 -15.32 -1.40
N GLU A 77 -8.64 -14.46 -2.43
CA GLU A 77 -9.16 -13.08 -2.27
C GLU A 77 -10.62 -13.13 -1.77
N VAL A 78 -11.48 -13.91 -2.43
CA VAL A 78 -12.91 -14.09 -2.03
C VAL A 78 -12.98 -14.55 -0.57
N ARG A 79 -12.17 -15.53 -0.17
CA ARG A 79 -12.19 -16.03 1.23
C ARG A 79 -11.84 -14.90 2.19
N LEU A 80 -10.78 -14.15 1.91
CA LEU A 80 -10.35 -13.09 2.86
C LEU A 80 -11.38 -11.95 2.91
N LEU A 81 -12.02 -11.59 1.79
CA LEU A 81 -13.06 -10.53 1.80
C LEU A 81 -14.28 -11.03 2.61
N GLU A 82 -14.71 -12.28 2.40
CA GLU A 82 -15.90 -12.81 3.13
C GLU A 82 -15.57 -12.82 4.62
N LEU A 83 -14.35 -13.23 4.99
CA LEU A 83 -13.90 -13.24 6.41
C LEU A 83 -14.06 -11.84 7.00
N MET A 84 -13.60 -10.80 6.28
CA MET A 84 -13.67 -9.39 6.74
C MET A 84 -15.14 -8.96 6.94
N ASN A 85 -16.04 -9.36 6.03
CA ASN A 85 -17.45 -8.92 5.97
C ASN A 85 -18.24 -9.45 7.17
N LYS A 86 -17.90 -10.62 7.71
CA LYS A 86 -18.64 -11.18 8.87
C LYS A 86 -18.16 -10.55 10.19
N HIS A 87 -17.43 -9.43 10.16
CA HIS A 87 -17.02 -8.59 11.32
C HIS A 87 -17.66 -7.20 11.24
N ASP A 88 -18.62 -6.86 12.09
CA ASP A 88 -19.29 -5.52 12.03
C ASP A 88 -18.71 -4.62 13.11
N THR A 89 -17.73 -3.79 12.74
CA THR A 89 -16.99 -2.81 13.60
C THR A 89 -16.72 -1.55 12.76
N GLU A 90 -16.71 -0.34 13.34
CA GLU A 90 -16.47 0.94 12.59
C GLU A 90 -15.13 0.91 11.84
N MET A 91 -14.27 -0.04 12.19
CA MET A 91 -12.89 -0.17 11.65
C MET A 91 -12.96 -0.84 10.28
N LYS A 92 -13.98 -1.66 10.01
CA LYS A 92 -14.02 -2.42 8.74
C LYS A 92 -14.40 -1.57 7.50
N TYR A 93 -14.87 -0.33 7.62
CA TYR A 93 -15.48 0.39 6.45
C TYR A 93 -14.44 1.15 5.63
N TYR A 94 -13.14 0.80 5.73
CA TYR A 94 -12.07 1.34 4.87
C TYR A 94 -11.60 0.28 3.86
N ILE A 95 -12.32 -0.84 3.76
CA ILE A 95 -12.05 -1.93 2.78
C ILE A 95 -13.18 -1.91 1.76
N VAL A 96 -12.88 -2.06 0.49
CA VAL A 96 -13.95 -2.17 -0.53
C VAL A 96 -14.87 -3.32 -0.13
N HIS A 97 -16.17 -3.12 -0.32
CA HIS A 97 -17.22 -4.13 -0.02
C HIS A 97 -17.36 -5.13 -1.16
N LEU A 98 -17.06 -6.40 -0.89
CA LEU A 98 -17.48 -7.48 -1.80
C LEU A 98 -18.96 -7.78 -1.53
N LYS A 99 -19.79 -7.57 -2.54
CA LYS A 99 -21.25 -7.79 -2.43
C LYS A 99 -21.56 -9.28 -2.64
N ARG A 100 -20.93 -9.91 -3.61
CA ARG A 100 -21.06 -11.37 -3.83
C ARG A 100 -20.11 -11.78 -4.96
N HIS A 101 -20.12 -13.07 -5.27
CA HIS A 101 -19.30 -13.66 -6.35
C HIS A 101 -20.07 -14.81 -6.95
N PHE A 102 -19.78 -15.09 -8.19
CA PHE A 102 -20.34 -16.25 -8.91
C PHE A 102 -19.34 -16.67 -9.98
N MET A 103 -19.57 -17.84 -10.57
CA MET A 103 -18.80 -18.35 -11.71
C MET A 103 -19.64 -18.15 -12.98
N PHE A 104 -19.03 -17.67 -14.05
CA PHE A 104 -19.71 -17.38 -15.33
C PHE A 104 -18.75 -17.58 -16.50
N ARG A 105 -19.08 -18.50 -17.43
CA ARG A 105 -18.27 -18.86 -18.63
C ARG A 105 -16.86 -19.30 -18.18
N ASN A 106 -16.73 -19.86 -16.97
CA ASN A 106 -15.46 -20.37 -16.40
C ASN A 106 -14.58 -19.22 -15.89
N HIS A 107 -15.13 -18.05 -15.60
CA HIS A 107 -14.43 -16.96 -14.90
C HIS A 107 -15.03 -16.77 -13.50
N LEU A 108 -14.21 -16.75 -12.46
CA LEU A 108 -14.68 -16.26 -11.16
C LEU A 108 -14.92 -14.75 -11.31
N CYS A 109 -16.07 -14.27 -10.87
CA CYS A 109 -16.53 -12.87 -10.98
C CYS A 109 -16.82 -12.36 -9.57
N LEU A 110 -16.12 -11.31 -9.13
CA LEU A 110 -16.31 -10.70 -7.81
C LEU A 110 -17.09 -9.41 -8.02
N VAL A 111 -18.22 -9.25 -7.34
CA VAL A 111 -19.05 -8.01 -7.46
C VAL A 111 -18.75 -7.11 -6.27
N PHE A 112 -18.21 -5.91 -6.53
CA PHE A 112 -17.96 -4.89 -5.50
C PHE A 112 -18.93 -3.69 -5.67
N GLU A 113 -19.10 -2.92 -4.61
CA GLU A 113 -19.61 -1.53 -4.72
C GLU A 113 -18.76 -0.76 -5.76
N MET A 114 -19.34 0.22 -6.42
CA MET A 114 -18.58 1.16 -7.26
C MET A 114 -17.78 2.10 -6.34
N LEU A 115 -16.53 2.34 -6.72
CA LEU A 115 -15.70 3.41 -6.15
C LEU A 115 -15.24 4.35 -7.26
N SER A 116 -14.59 5.47 -6.90
CA SER A 116 -14.08 6.50 -7.85
C SER A 116 -12.62 6.20 -8.17
N TYR A 117 -11.83 7.23 -8.50
CA TYR A 117 -10.46 7.10 -9.04
C TYR A 117 -9.46 6.89 -7.88
N ASN A 118 -8.27 6.42 -8.23
CA ASN A 118 -7.28 5.91 -7.25
C ASN A 118 -6.31 7.03 -6.92
N LEU A 119 -5.51 6.84 -5.88
CA LEU A 119 -4.65 7.92 -5.38
C LEU A 119 -3.48 8.18 -6.35
N TYR A 120 -3.15 7.27 -7.28
CA TYR A 120 -2.14 7.57 -8.32
C TYR A 120 -2.74 8.60 -9.29
N ASP A 121 -3.99 8.39 -9.69
CA ASP A 121 -4.72 9.34 -10.57
C ASP A 121 -4.75 10.67 -9.83
N LEU A 122 -4.99 10.68 -8.53
CA LEU A 122 -5.02 11.95 -7.75
C LEU A 122 -3.65 12.62 -7.90
N LEU A 123 -2.55 11.91 -7.66
CA LEU A 123 -1.19 12.49 -7.84
C LEU A 123 -1.00 12.99 -9.28
N ARG A 124 -1.33 12.17 -10.29
CA ARG A 124 -1.20 12.56 -11.72
C ARG A 124 -1.93 13.89 -11.93
N ASN A 125 -3.12 14.03 -11.37
CA ASN A 125 -3.96 15.24 -11.49
C ASN A 125 -3.27 16.46 -10.85
N THR A 126 -2.35 16.31 -9.88
CA THR A 126 -1.58 17.43 -9.27
C THR A 126 -0.29 17.69 -10.07
N ASN A 127 -0.11 17.03 -11.23
CA ASN A 127 1.16 17.04 -12.01
C ASN A 127 2.29 16.57 -11.12
N PHE A 128 2.00 15.59 -10.28
CA PHE A 128 2.98 14.96 -9.39
C PHE A 128 3.64 16.04 -8.53
N ARG A 129 2.89 17.02 -8.04
CA ARG A 129 3.39 18.03 -7.05
C ARG A 129 2.81 17.75 -5.65
N GLY A 130 1.86 16.81 -5.52
CA GLY A 130 1.41 16.33 -4.21
C GLY A 130 0.19 17.06 -3.70
N VAL A 131 -0.50 16.45 -2.73
CA VAL A 131 -1.66 17.06 -2.05
C VAL A 131 -1.16 17.65 -0.74
N SER A 132 -2.00 18.45 -0.10
CA SER A 132 -1.64 19.18 1.14
C SER A 132 -1.35 18.20 2.30
N LEU A 133 -0.58 18.66 3.26
CA LEU A 133 -0.38 17.92 4.51
C LEU A 133 -1.75 17.60 5.14
N ASN A 134 -2.74 18.48 5.04
CA ASN A 134 -4.09 18.24 5.63
C ASN A 134 -4.79 17.10 4.89
N LEU A 135 -4.66 17.02 3.57
CA LEU A 135 -5.33 15.90 2.86
C LEU A 135 -4.53 14.62 3.10
N THR A 136 -3.20 14.71 3.17
CA THR A 136 -2.30 13.59 3.50
C THR A 136 -2.74 13.02 4.86
N ARG A 137 -2.95 13.88 5.86
CA ARG A 137 -3.38 13.44 7.22
C ARG A 137 -4.68 12.64 7.15
N LYS A 138 -5.67 13.13 6.41
CA LYS A 138 -6.97 12.43 6.29
C LYS A 138 -6.76 11.05 5.68
N PHE A 139 -5.87 10.92 4.69
CA PHE A 139 -5.63 9.60 4.06
C PHE A 139 -4.94 8.72 5.11
N ALA A 140 -3.95 9.27 5.78
CA ALA A 140 -3.13 8.52 6.77
C ALA A 140 -4.05 7.94 7.83
N GLN A 141 -4.99 8.75 8.30
CA GLN A 141 -5.86 8.34 9.42
C GLN A 141 -6.77 7.22 8.94
N GLN A 142 -7.32 7.32 7.74
CA GLN A 142 -8.19 6.24 7.24
C GLN A 142 -7.36 4.95 7.02
N MET A 143 -6.16 5.08 6.44
CA MET A 143 -5.32 3.89 6.12
C MET A 143 -4.87 3.24 7.44
N CYS A 144 -4.49 4.03 8.43
CA CYS A 144 -4.09 3.47 9.73
C CYS A 144 -5.26 2.71 10.38
N THR A 145 -6.48 3.22 10.26
CA THR A 145 -7.70 2.55 10.76
C THR A 145 -7.88 1.25 10.01
N ALA A 146 -7.69 1.26 8.69
CA ALA A 146 -7.83 0.04 7.86
C ALA A 146 -6.84 -1.03 8.35
N LEU A 147 -5.59 -0.65 8.57
CA LEU A 147 -4.53 -1.59 8.99
C LEU A 147 -4.90 -2.11 10.40
N LEU A 148 -5.43 -1.25 11.28
CA LEU A 148 -5.88 -1.69 12.64
C LEU A 148 -6.94 -2.78 12.46
N PHE A 149 -7.89 -2.58 11.56
CA PHE A 149 -8.91 -3.61 11.26
C PHE A 149 -8.21 -4.89 10.78
N LEU A 150 -7.29 -4.81 9.82
CA LEU A 150 -6.72 -6.07 9.29
C LEU A 150 -5.95 -6.83 10.39
N ALA A 151 -5.44 -6.12 11.39
CA ALA A 151 -4.64 -6.69 12.48
C ALA A 151 -5.52 -7.37 13.53
N THR A 152 -6.84 -7.31 13.43
CA THR A 152 -7.73 -8.01 14.40
C THR A 152 -7.29 -9.48 14.41
N PRO A 153 -7.04 -10.06 15.60
CA PRO A 153 -6.41 -11.39 15.67
C PRO A 153 -7.06 -12.43 14.76
N GLU A 154 -8.38 -12.51 14.73
CA GLU A 154 -9.08 -13.57 13.98
C GLU A 154 -8.97 -13.29 12.47
N LEU A 155 -8.56 -12.09 12.03
CA LEU A 155 -8.25 -11.79 10.59
C LEU A 155 -6.75 -11.97 10.37
N SER A 156 -5.92 -11.12 10.98
CA SER A 156 -4.44 -11.10 10.79
C SER A 156 -4.15 -11.14 9.28
N ILE A 157 -4.77 -10.23 8.53
CA ILE A 157 -4.59 -10.18 7.06
C ILE A 157 -3.46 -9.20 6.69
N ILE A 158 -2.53 -9.71 5.89
CA ILE A 158 -1.44 -8.90 5.28
C ILE A 158 -1.90 -8.59 3.88
N HIS A 159 -2.09 -7.30 3.56
CA HIS A 159 -2.52 -6.85 2.22
C HIS A 159 -1.51 -7.30 1.19
N CYS A 160 -0.23 -6.97 1.43
CA CYS A 160 0.98 -7.34 0.63
C CYS A 160 1.12 -6.54 -0.67
N ASP A 161 0.15 -5.73 -1.08
CA ASP A 161 0.34 -4.88 -2.28
C ASP A 161 -0.22 -3.46 -2.08
N LEU A 162 0.06 -2.81 -0.97
CA LEU A 162 -0.36 -1.41 -0.74
C LEU A 162 0.47 -0.49 -1.60
N LYS A 163 -0.24 0.40 -2.28
CA LYS A 163 0.33 1.44 -3.16
C LYS A 163 -0.82 2.35 -3.59
N PRO A 164 -0.49 3.56 -4.10
CA PRO A 164 -1.51 4.55 -4.44
C PRO A 164 -2.60 3.99 -5.36
N GLU A 165 -2.22 3.15 -6.33
CA GLU A 165 -3.17 2.59 -7.34
C GLU A 165 -4.24 1.74 -6.62
N ASN A 166 -3.95 1.23 -5.43
CA ASN A 166 -4.80 0.24 -4.72
C ASN A 166 -5.59 0.94 -3.62
N ILE A 167 -5.63 2.26 -3.64
CA ILE A 167 -6.40 3.08 -2.68
C ILE A 167 -7.32 3.97 -3.55
N LEU A 168 -8.63 3.80 -3.41
CA LEU A 168 -9.61 4.49 -4.27
C LEU A 168 -10.43 5.46 -3.44
N LEU A 169 -10.77 6.60 -4.04
CA LEU A 169 -11.73 7.53 -3.44
C LEU A 169 -13.11 6.88 -3.49
N CYS A 170 -13.89 7.04 -2.44
CA CYS A 170 -15.31 6.58 -2.40
C CYS A 170 -16.19 7.42 -3.33
N ASN A 171 -15.80 8.67 -3.61
CA ASN A 171 -16.66 9.71 -4.23
C ASN A 171 -15.73 10.81 -4.74
N PRO A 172 -15.76 11.17 -6.04
CA PRO A 172 -14.86 12.18 -6.57
C PRO A 172 -15.00 13.56 -5.93
N LYS A 173 -16.09 13.84 -5.20
CA LYS A 173 -16.25 15.12 -4.46
C LYS A 173 -15.60 15.02 -3.07
N ARG A 174 -15.23 13.83 -2.58
CA ARG A 174 -14.89 13.67 -1.13
C ARG A 174 -13.51 13.05 -0.95
N SER A 175 -13.03 13.04 0.30
CA SER A 175 -11.68 12.55 0.65
C SER A 175 -11.76 11.21 1.40
N ALA A 176 -12.93 10.56 1.44
CA ALA A 176 -13.06 9.17 1.92
C ALA A 176 -12.36 8.20 0.95
N ILE A 177 -11.65 7.22 1.49
CA ILE A 177 -10.96 6.20 0.66
C ILE A 177 -11.27 4.78 1.15
N LYS A 178 -11.06 3.83 0.26
CA LYS A 178 -11.08 2.38 0.57
C LYS A 178 -9.91 1.70 -0.14
N ILE A 179 -9.42 0.63 0.49
CA ILE A 179 -8.37 -0.25 -0.09
C ILE A 179 -9.06 -1.29 -0.96
N VAL A 180 -8.46 -1.58 -2.11
CA VAL A 180 -8.91 -2.64 -3.05
C VAL A 180 -7.74 -3.61 -3.26
N ASP A 181 -8.03 -4.72 -3.91
CA ASP A 181 -7.06 -5.70 -4.47
C ASP A 181 -6.41 -6.49 -3.34
N PHE A 182 -7.08 -7.55 -2.91
CA PHE A 182 -6.60 -8.49 -1.89
C PHE A 182 -6.07 -9.73 -2.62
N GLY A 183 -5.60 -9.53 -3.84
CA GLY A 183 -5.10 -10.59 -4.76
C GLY A 183 -3.77 -11.19 -4.33
N SER A 184 -2.97 -10.47 -3.55
CA SER A 184 -1.65 -10.90 -3.06
C SER A 184 -1.80 -11.23 -1.58
N SER A 185 -2.94 -10.88 -1.00
CA SER A 185 -3.11 -10.90 0.47
C SER A 185 -3.06 -12.36 1.00
N CYS A 186 -2.59 -12.46 2.24
CA CYS A 186 -2.53 -13.74 2.98
C CYS A 186 -2.72 -13.46 4.47
N GLN A 187 -3.28 -14.44 5.18
CA GLN A 187 -3.30 -14.37 6.67
C GLN A 187 -1.90 -14.64 7.19
N LEU A 188 -1.60 -14.11 8.35
CA LEU A 188 -0.33 -14.43 9.04
C LEU A 188 -0.21 -15.96 9.11
N GLY A 189 0.95 -16.50 8.74
CA GLY A 189 1.17 -17.96 8.78
C GLY A 189 0.55 -18.69 7.61
N GLN A 190 0.05 -17.99 6.59
CA GLN A 190 -0.44 -18.61 5.33
C GLN A 190 0.34 -18.03 4.12
N ARG A 191 1.60 -17.64 4.32
CA ARG A 191 2.48 -17.06 3.27
C ARG A 191 2.61 -18.06 2.12
N ILE A 192 2.57 -17.58 0.88
CA ILE A 192 2.85 -18.43 -0.29
C ILE A 192 4.16 -17.99 -0.93
N TYR A 193 4.25 -16.71 -1.28
CA TYR A 193 5.36 -16.15 -2.10
C TYR A 193 6.35 -15.42 -1.19
N GLN A 194 7.63 -15.61 -1.48
CA GLN A 194 8.77 -14.87 -0.87
CA GLN A 194 8.77 -14.88 -0.86
C GLN A 194 8.81 -13.47 -1.48
N PTR A 195 8.60 -13.36 -2.80
CA PTR A 195 8.70 -12.13 -3.56
C PTR A 195 7.32 -11.51 -3.75
O PTR A 195 6.53 -11.97 -4.58
CB PTR A 195 9.31 -12.44 -4.94
CG PTR A 195 9.73 -11.31 -5.84
CD1 PTR A 195 8.90 -10.80 -6.83
CD2 PTR A 195 11.00 -10.80 -5.74
CE1 PTR A 195 9.31 -9.80 -7.70
CE2 PTR A 195 11.45 -9.79 -6.59
CZ PTR A 195 10.59 -9.29 -7.54
OH PTR A 195 11.21 -8.40 -8.41
P PTR A 195 10.69 -7.03 -8.87
O1P PTR A 195 10.76 -6.93 -10.33
O2P PTR A 195 9.28 -6.78 -8.41
O3P PTR A 195 11.64 -6.07 -8.24
N ILE A 196 7.06 -10.48 -2.95
CA ILE A 196 5.74 -9.82 -2.90
C ILE A 196 5.93 -8.32 -2.71
N GLN A 197 4.81 -7.59 -2.78
CA GLN A 197 4.73 -6.10 -2.72
C GLN A 197 5.24 -5.54 -4.05
N SER A 198 4.76 -4.37 -4.44
CA SER A 198 5.33 -3.60 -5.57
C SER A 198 6.64 -3.03 -5.10
N ARG A 199 7.63 -3.05 -5.98
CA ARG A 199 9.04 -2.81 -5.59
C ARG A 199 9.16 -1.50 -4.82
N PHE A 200 8.56 -0.40 -5.29
CA PHE A 200 8.75 0.92 -4.62
C PHE A 200 8.29 0.86 -3.16
N TYR A 201 7.34 -0.02 -2.85
CA TYR A 201 6.64 -0.08 -1.55
C TYR A 201 7.04 -1.35 -0.79
N ARG A 202 8.11 -2.03 -1.26
CA ARG A 202 8.59 -3.32 -0.70
C ARG A 202 9.41 -3.04 0.56
N SER A 203 9.07 -3.76 1.63
CA SER A 203 9.68 -3.62 2.97
C SER A 203 11.09 -4.20 2.95
N PRO A 204 11.98 -3.71 3.83
CA PRO A 204 13.32 -4.29 3.93
C PRO A 204 13.27 -5.81 4.19
N GLU A 205 12.39 -6.25 5.08
CA GLU A 205 12.29 -7.67 5.46
C GLU A 205 11.96 -8.51 4.21
N VAL A 206 11.10 -8.03 3.30
CA VAL A 206 10.84 -8.77 2.02
C VAL A 206 12.06 -8.71 1.09
N LEU A 207 12.66 -7.53 0.88
CA LEU A 207 13.90 -7.41 0.08
C LEU A 207 14.94 -8.41 0.61
N LEU A 208 14.99 -8.62 1.93
CA LEU A 208 16.03 -9.44 2.60
C LEU A 208 15.64 -10.93 2.71
N GLY A 209 14.51 -11.32 2.13
CA GLY A 209 14.13 -12.74 2.06
C GLY A 209 13.62 -13.27 3.39
N MET A 210 13.18 -12.42 4.30
CA MET A 210 12.80 -12.88 5.68
C MET A 210 11.30 -13.14 5.75
N PRO A 211 10.89 -14.02 6.68
CA PRO A 211 9.46 -14.33 6.89
C PRO A 211 8.78 -13.01 7.26
N TYR A 212 7.65 -12.69 6.65
CA TYR A 212 7.03 -11.35 6.82
C TYR A 212 5.72 -11.48 7.62
N ASP A 213 5.35 -10.37 8.25
CA ASP A 213 4.10 -10.21 9.04
C ASP A 213 3.40 -8.89 8.65
N LEU A 214 2.43 -8.43 9.44
CA LEU A 214 1.54 -7.32 9.01
C LEU A 214 2.37 -6.03 8.91
N ALA A 215 3.57 -5.99 9.50
CA ALA A 215 4.39 -4.78 9.56
C ALA A 215 4.80 -4.36 8.13
N ILE A 216 4.82 -5.27 7.16
CA ILE A 216 5.17 -4.88 5.76
C ILE A 216 4.15 -3.85 5.19
N ASP A 217 2.88 -3.89 5.60
CA ASP A 217 1.85 -2.95 5.12
C ASP A 217 2.20 -1.58 5.69
N MET A 218 2.67 -1.51 6.92
CA MET A 218 2.92 -0.23 7.58
C MET A 218 4.12 0.42 6.87
N TRP A 219 5.10 -0.38 6.43
CA TRP A 219 6.23 0.13 5.63
C TRP A 219 5.69 0.76 4.36
N SER A 220 4.88 0.03 3.61
CA SER A 220 4.27 0.53 2.37
C SER A 220 3.59 1.85 2.71
N LEU A 221 2.82 1.89 3.79
CA LEU A 221 2.00 3.10 4.09
C LEU A 221 2.93 4.29 4.25
N GLY A 222 4.00 4.15 5.03
CA GLY A 222 4.95 5.26 5.21
C GLY A 222 5.42 5.77 3.85
N CYS A 223 5.80 4.85 2.96
CA CYS A 223 6.25 5.19 1.59
C CYS A 223 5.15 5.96 0.91
N ILE A 224 3.92 5.46 1.01
CA ILE A 224 2.78 6.07 0.28
C ILE A 224 2.53 7.51 0.76
N LEU A 225 2.61 7.76 2.05
CA LEU A 225 2.19 9.09 2.60
C LEU A 225 3.18 10.18 2.19
N VAL A 226 4.48 9.84 2.20
CA VAL A 226 5.51 10.80 1.73
C VAL A 226 5.20 11.10 0.27
N GLU A 227 4.96 10.08 -0.54
CA GLU A 227 4.67 10.27 -1.98
C GLU A 227 3.40 11.13 -2.16
N MET A 228 2.35 10.91 -1.36
CA MET A 228 1.10 11.67 -1.55
C MET A 228 1.39 13.17 -1.35
N HIS A 229 2.37 13.51 -0.50
CA HIS A 229 2.64 14.95 -0.17
C HIS A 229 3.71 15.57 -1.07
N THR A 230 4.71 14.81 -1.54
CA THR A 230 5.80 15.31 -2.43
C THR A 230 5.41 15.16 -3.88
N GLY A 231 4.47 14.26 -4.20
CA GLY A 231 4.11 13.95 -5.59
C GLY A 231 4.96 12.84 -6.19
N GLU A 232 6.05 12.44 -5.55
CA GLU A 232 7.06 11.50 -6.13
C GLU A 232 7.25 10.28 -5.22
N PRO A 233 7.52 9.07 -5.76
CA PRO A 233 7.85 7.92 -4.93
C PRO A 233 9.07 8.19 -4.04
N LEU A 234 9.03 7.77 -2.78
CA LEU A 234 10.15 7.98 -1.84
C LEU A 234 11.36 7.18 -2.32
N PHE A 235 11.13 5.92 -2.70
CA PHE A 235 12.17 4.93 -3.01
C PHE A 235 11.84 4.28 -4.34
N SER A 236 12.35 4.81 -5.46
CA SER A 236 11.95 4.34 -6.81
C SER A 236 13.06 3.48 -7.40
N GLY A 237 13.26 2.30 -6.81
CA GLY A 237 14.32 1.41 -7.29
C GLY A 237 13.92 0.85 -8.64
N ALA A 238 14.88 0.71 -9.56
CA ALA A 238 14.69 0.06 -10.87
C ALA A 238 14.81 -1.46 -10.73
N ASN A 239 15.34 -1.92 -9.60
CA ASN A 239 15.47 -3.37 -9.29
C ASN A 239 15.75 -3.48 -7.79
N GLU A 240 15.85 -4.68 -7.26
CA GLU A 240 15.91 -4.85 -5.80
C GLU A 240 17.19 -4.21 -5.27
N VAL A 241 18.30 -4.34 -6.00
CA VAL A 241 19.60 -3.79 -5.52
C VAL A 241 19.46 -2.27 -5.42
N ASP A 242 18.89 -1.64 -6.45
CA ASP A 242 18.66 -0.17 -6.51
C ASP A 242 17.67 0.21 -5.40
N GLN A 243 16.63 -0.61 -5.22
CA GLN A 243 15.60 -0.36 -4.17
C GLN A 243 16.31 -0.22 -2.82
N MET A 244 17.07 -1.23 -2.41
CA MET A 244 17.71 -1.30 -1.07
C MET A 244 18.71 -0.14 -0.94
N ASN A 245 19.45 0.19 -2.01
CA ASN A 245 20.42 1.32 -2.03
C ASN A 245 19.65 2.64 -1.78
N LYS A 246 18.51 2.85 -2.42
CA LYS A 246 17.71 4.08 -2.18
C LYS A 246 17.16 4.14 -0.77
N ILE A 247 16.80 3.00 -0.17
CA ILE A 247 16.35 2.96 1.26
C ILE A 247 17.54 3.35 2.15
N VAL A 248 18.72 2.78 1.90
CA VAL A 248 19.94 3.02 2.72
C VAL A 248 20.34 4.50 2.65
N GLU A 249 20.21 5.17 1.49
CA GLU A 249 20.49 6.63 1.36
C GLU A 249 19.72 7.44 2.40
N VAL A 250 18.46 7.08 2.62
CA VAL A 250 17.62 7.82 3.61
C VAL A 250 17.82 7.29 5.03
N LEU A 251 17.92 5.98 5.22
CA LEU A 251 17.74 5.43 6.59
C LEU A 251 19.03 4.80 7.14
N GLY A 252 20.10 4.74 6.34
CA GLY A 252 21.38 4.18 6.77
C GLY A 252 21.41 2.68 6.60
N ILE A 253 22.49 2.08 7.03
CA ILE A 253 22.69 0.60 7.00
C ILE A 253 21.68 0.00 7.98
N PRO A 254 20.92 -1.04 7.58
CA PRO A 254 20.03 -1.74 8.50
C PRO A 254 20.78 -2.33 9.71
N PRO A 255 20.16 -2.48 10.88
CA PRO A 255 20.87 -2.97 12.06
C PRO A 255 21.35 -4.41 11.90
N ALA A 256 22.52 -4.70 12.47
CA ALA A 256 23.24 -5.98 12.37
C ALA A 256 22.35 -7.15 12.77
N HIS A 257 21.56 -7.01 13.83
CA HIS A 257 20.69 -8.10 14.33
C HIS A 257 19.69 -8.52 13.23
N ILE A 258 19.25 -7.58 12.39
CA ILE A 258 18.37 -7.89 11.22
C ILE A 258 19.21 -8.55 10.13
N LEU A 259 20.32 -7.92 9.72
CA LEU A 259 21.17 -8.47 8.64
C LEU A 259 21.69 -9.86 9.02
N ASP A 260 22.03 -10.09 10.29
CA ASP A 260 22.55 -11.41 10.76
C ASP A 260 21.53 -12.53 10.54
N GLN A 261 20.22 -12.23 10.54
CA GLN A 261 19.20 -13.30 10.43
CA GLN A 261 19.13 -13.24 10.46
C GLN A 261 18.57 -13.30 9.03
N ALA A 262 19.12 -12.53 8.10
CA ALA A 262 18.47 -12.34 6.79
C ALA A 262 19.08 -13.24 5.72
N PRO A 263 18.27 -14.16 5.15
CA PRO A 263 18.74 -15.01 4.07
C PRO A 263 19.42 -14.25 2.92
N LYS A 264 18.96 -13.05 2.58
CA LYS A 264 19.43 -12.36 1.34
C LYS A 264 20.27 -11.14 1.70
N ALA A 265 20.78 -11.03 2.92
CA ALA A 265 21.60 -9.87 3.33
C ALA A 265 22.72 -9.67 2.32
N ARG A 266 23.36 -10.76 1.88
CA ARG A 266 24.56 -10.74 1.00
C ARG A 266 24.20 -10.45 -0.46
N LYS A 267 22.91 -10.29 -0.79
CA LYS A 267 22.50 -9.68 -2.08
C LYS A 267 22.89 -8.19 -2.10
N PHE A 268 22.96 -7.54 -0.93
CA PHE A 268 23.06 -6.07 -0.84
C PHE A 268 24.26 -5.65 0.02
N PHE A 269 24.64 -6.46 1.02
CA PHE A 269 25.58 -6.03 2.08
C PHE A 269 26.71 -7.07 2.20
N GLU A 270 27.77 -6.70 2.91
CA GLU A 270 28.94 -7.60 3.17
C GLU A 270 29.27 -7.45 4.65
N LYS A 271 29.48 -8.56 5.35
CA LYS A 271 29.83 -8.56 6.79
C LYS A 271 31.36 -8.46 6.92
N LEU A 272 31.87 -7.72 7.92
CA LEU A 272 33.32 -7.40 8.07
C LEU A 272 33.92 -8.12 9.27
N PRO A 273 35.27 -8.16 9.38
CA PRO A 273 35.97 -8.89 10.45
C PRO A 273 35.36 -8.72 11.84
N ASP A 274 35.13 -7.46 12.23
CA ASP A 274 34.61 -7.02 13.55
C ASP A 274 33.09 -7.22 13.65
N GLY A 275 32.53 -8.07 12.78
CA GLY A 275 31.09 -8.40 12.74
C GLY A 275 30.24 -7.17 12.48
N THR A 276 30.58 -6.40 11.44
CA THR A 276 29.82 -5.19 11.02
C THR A 276 29.40 -5.38 9.57
N TRP A 277 28.40 -4.62 9.15
CA TRP A 277 27.87 -4.72 7.77
C TRP A 277 28.08 -3.40 7.03
N ASN A 278 28.33 -3.47 5.73
CA ASN A 278 28.43 -2.30 4.81
C ASN A 278 27.75 -2.64 3.50
N LEU A 279 27.47 -1.64 2.70
CA LEU A 279 26.99 -1.89 1.32
C LEU A 279 28.08 -2.66 0.55
N LYS A 280 27.69 -3.71 -0.17
CA LYS A 280 28.35 -4.06 -1.45
C LYS A 280 28.24 -2.84 -2.37
N LYS A 281 29.34 -2.38 -2.96
CA LYS A 281 29.31 -1.27 -3.96
C LYS A 281 29.42 -1.91 -5.34
N THR A 282 28.69 -1.42 -6.37
CA THR A 282 28.98 -1.70 -7.80
C THR A 282 29.62 -0.44 -8.41
N LYS A 283 29.85 -0.39 -9.73
CA LYS A 283 30.36 0.83 -10.42
C LYS A 283 29.32 1.94 -10.26
N ASP A 284 29.78 3.18 -10.07
CA ASP A 284 28.93 4.35 -9.74
C ASP A 284 28.03 4.71 -10.94
N TYR A 289 25.09 6.90 -5.51
CA TYR A 289 24.19 7.09 -4.33
C TYR A 289 24.87 7.97 -3.27
N LYS A 290 24.06 8.68 -2.50
CA LYS A 290 24.54 9.49 -1.34
C LYS A 290 25.00 8.52 -0.25
N PRO A 291 26.01 8.89 0.55
CA PRO A 291 26.46 8.06 1.66
C PRO A 291 25.31 7.69 2.58
N PRO A 292 25.32 6.47 3.15
CA PRO A 292 24.21 5.96 3.97
C PRO A 292 23.65 6.98 4.95
N GLY A 293 22.33 7.19 4.92
CA GLY A 293 21.60 8.02 5.90
C GLY A 293 21.79 9.51 5.68
N THR A 294 22.39 9.93 4.56
CA THR A 294 22.62 11.37 4.32
C THR A 294 21.49 12.00 3.52
N ARG A 295 20.65 11.24 2.82
CA ARG A 295 19.46 11.82 2.13
C ARG A 295 18.32 11.93 3.16
N LYS A 296 18.26 13.05 3.86
CA LYS A 296 17.46 13.21 5.09
C LYS A 296 15.98 13.40 4.73
N LEU A 297 15.12 12.65 5.41
CA LEU A 297 13.66 12.81 5.22
C LEU A 297 13.31 14.27 5.53
N HIS A 298 13.99 14.87 6.52
CA HIS A 298 13.86 16.31 6.90
C HIS A 298 13.87 17.22 5.64
N ASN A 299 14.74 16.91 4.69
CA ASN A 299 14.95 17.75 3.47
C ASN A 299 14.00 17.28 2.38
N ILE A 300 13.73 15.98 2.30
CA ILE A 300 12.76 15.49 1.28
C ILE A 300 11.43 16.19 1.52
N LEU A 301 11.03 16.27 2.77
CA LEU A 301 9.73 16.87 3.17
C LEU A 301 9.83 18.41 3.13
N GLY A 302 11.03 18.98 3.24
CA GLY A 302 11.24 20.44 3.38
C GLY A 302 10.67 20.99 4.69
N VAL A 303 10.85 20.25 5.80
CA VAL A 303 10.30 20.62 7.15
C VAL A 303 10.58 22.09 7.45
N GLU A 304 11.79 22.59 7.16
CA GLU A 304 12.22 23.96 7.52
C GLU A 304 12.35 24.85 6.28
N THR A 305 11.91 24.41 5.10
CA THR A 305 12.17 25.11 3.83
C THR A 305 10.88 25.18 2.99
N GLY A 306 9.71 25.33 3.62
CA GLY A 306 8.41 25.52 2.94
C GLY A 306 7.89 24.27 2.23
N GLY A 307 8.21 23.08 2.73
CA GLY A 307 7.62 21.82 2.24
C GLY A 307 8.29 21.38 0.94
N PRO A 308 7.75 20.34 0.27
CA PRO A 308 8.39 19.77 -0.91
C PRO A 308 8.58 20.83 -2.00
N GLY A 309 9.81 20.95 -2.50
CA GLY A 309 10.27 22.01 -3.41
C GLY A 309 9.90 23.41 -2.93
N GLY A 310 9.71 23.60 -1.62
CA GLY A 310 9.28 24.90 -1.05
C GLY A 310 7.91 25.36 -1.54
N ARG A 311 7.12 24.49 -2.18
CA ARG A 311 5.83 24.87 -2.82
C ARG A 311 4.75 25.16 -1.78
N ARG A 312 4.97 24.86 -0.50
CA ARG A 312 3.95 25.08 0.57
C ARG A 312 4.32 26.27 1.47
N ALA A 313 5.34 27.04 1.10
CA ALA A 313 5.83 28.22 1.87
C ALA A 313 4.66 29.15 2.17
N GLY A 314 4.32 29.29 3.44
CA GLY A 314 3.30 30.26 3.90
C GLY A 314 1.88 29.72 3.89
N GLU A 315 1.59 28.56 3.28
CA GLU A 315 0.23 27.96 3.31
C GLU A 315 -0.09 27.55 4.75
N SER A 316 -1.34 27.70 5.22
CA SER A 316 -1.72 27.27 6.59
C SER A 316 -1.67 25.75 6.65
N GLY A 317 -1.57 25.21 7.86
CA GLY A 317 -1.45 23.77 8.13
C GLY A 317 -0.14 23.18 7.65
N HIS A 318 0.85 24.00 7.37
CA HIS A 318 2.16 23.55 6.85
C HIS A 318 3.28 24.27 7.59
N THR A 319 3.16 24.43 8.92
CA THR A 319 4.27 24.99 9.76
C THR A 319 5.34 23.92 10.03
N VAL A 320 6.52 24.36 10.43
CA VAL A 320 7.61 23.47 10.93
C VAL A 320 7.04 22.47 11.95
N ALA A 321 6.17 22.89 12.88
CA ALA A 321 5.66 22.00 13.96
C ALA A 321 4.81 20.89 13.32
N ASP A 322 3.99 21.24 12.33
CA ASP A 322 3.11 20.27 11.61
C ASP A 322 4.00 19.26 10.89
N TYR A 323 5.03 19.77 10.22
CA TYR A 323 6.00 18.97 9.45
C TYR A 323 6.75 18.03 10.38
N LEU A 324 7.18 18.49 11.55
CA LEU A 324 8.03 17.67 12.45
C LEU A 324 7.23 16.47 12.93
N LYS A 325 5.95 16.68 13.20
CA LYS A 325 5.08 15.58 13.66
C LYS A 325 4.96 14.55 12.54
N PHE A 326 4.78 15.02 11.32
CA PHE A 326 4.63 14.13 10.14
C PHE A 326 5.93 13.34 9.97
N LYS A 327 7.06 14.03 9.91
CA LYS A 327 8.38 13.37 9.83
C LYS A 327 8.52 12.29 10.91
N ASP A 328 8.23 12.61 12.16
CA ASP A 328 8.36 11.62 13.27
C ASP A 328 7.51 10.38 12.99
N LEU A 329 6.25 10.55 12.59
CA LEU A 329 5.36 9.39 12.35
C LEU A 329 5.94 8.55 11.19
N ILE A 330 6.44 9.19 10.15
CA ILE A 330 6.91 8.44 8.96
C ILE A 330 8.14 7.64 9.39
N LEU A 331 9.05 8.27 10.15
CA LEU A 331 10.29 7.55 10.54
C LEU A 331 9.93 6.35 11.42
N ARG A 332 8.83 6.41 12.15
CA ARG A 332 8.38 5.26 12.97
C ARG A 332 7.79 4.19 12.04
N MET A 333 7.12 4.57 10.95
CA MET A 333 6.57 3.62 9.97
C MET A 333 7.73 3.02 9.15
N LEU A 334 8.87 3.71 9.06
CA LEU A 334 10.04 3.22 8.27
C LEU A 334 11.14 2.68 9.18
N ASP A 335 10.75 2.19 10.35
CA ASP A 335 11.67 1.43 11.22
C ASP A 335 12.11 0.19 10.42
N TYR A 336 13.40 -0.07 10.38
CA TYR A 336 13.94 -1.30 9.76
C TYR A 336 13.44 -2.54 10.49
N ASP A 337 13.24 -2.45 11.80
CA ASP A 337 12.89 -3.62 12.64
C ASP A 337 11.37 -3.79 12.64
N PRO A 338 10.82 -4.85 12.00
CA PRO A 338 9.36 -5.06 11.93
C PRO A 338 8.77 -5.27 13.34
N LYS A 339 9.64 -5.56 14.29
CA LYS A 339 9.24 -5.80 15.70
C LYS A 339 8.91 -4.47 16.38
N THR A 340 9.69 -3.42 16.09
CA THR A 340 9.56 -2.10 16.78
C THR A 340 8.89 -1.07 15.86
N ARG A 341 8.75 -1.37 14.57
CA ARG A 341 7.98 -0.51 13.63
C ARG A 341 6.61 -0.21 14.25
N ILE A 342 6.16 1.03 14.11
CA ILE A 342 4.89 1.45 14.75
C ILE A 342 3.73 0.63 14.20
N GLN A 343 2.79 0.29 15.09
CA GLN A 343 1.61 -0.54 14.76
C GLN A 343 0.41 0.38 14.67
N PRO A 344 -0.66 -0.04 13.95
CA PRO A 344 -1.80 0.80 13.60
C PRO A 344 -2.44 1.56 14.77
N TYR A 345 -2.74 0.89 15.88
CA TYR A 345 -3.35 1.60 17.04
C TYR A 345 -2.41 2.71 17.50
N TYR A 346 -1.14 2.42 17.65
CA TYR A 346 -0.20 3.44 18.18
C TYR A 346 -0.03 4.54 17.12
N ALA A 347 -0.17 4.20 15.84
CA ALA A 347 -0.01 5.26 14.80
C ALA A 347 -1.18 6.25 14.96
N LEU A 348 -2.37 5.74 15.19
CA LEU A 348 -3.60 6.55 15.36
C LEU A 348 -3.50 7.48 16.59
N GLN A 349 -2.65 7.18 17.59
CA GLN A 349 -2.51 8.02 18.82
C GLN A 349 -1.41 9.05 18.62
N HIS A 350 -0.69 9.02 17.51
CA HIS A 350 0.43 9.97 17.28
C HIS A 350 -0.10 11.42 17.28
N SER A 351 0.76 12.38 17.64
CA SER A 351 0.41 13.82 17.72
C SER A 351 0.00 14.34 16.35
N PHE A 352 0.47 13.70 15.28
CA PHE A 352 0.19 14.14 13.89
C PHE A 352 -1.31 14.20 13.72
N PHE A 353 -2.03 13.37 14.45
CA PHE A 353 -3.49 13.26 14.31
C PHE A 353 -4.25 14.05 15.39
N LYS A 354 -3.57 14.80 16.26
CA LYS A 354 -4.23 15.57 17.37
C LYS A 354 -4.60 16.97 16.87
N LYS A 355 -5.85 17.44 17.10
CA LYS A 355 -6.33 18.82 16.79
C LYS A 355 -5.85 19.80 17.86
C1 RJ8 B . -10.52 -5.48 -6.00
N1 RJ8 B . -10.60 -6.26 -4.92
O1 RJ8 B . -14.76 0.67 -8.52
C2 RJ8 B . -9.38 -4.97 -7.92
N2 RJ8 B . -9.48 -5.72 -6.82
C3 RJ8 B . -10.22 -3.90 -8.19
C4 RJ8 B . -11.29 -3.62 -7.36
C5 RJ8 B . -11.44 -4.44 -6.23
C6 RJ8 B . -12.23 -2.48 -7.66
C7 RJ8 B . -11.94 -1.52 -8.63
C8 RJ8 B . -12.82 -0.46 -8.85
C9 RJ8 B . -14.02 -0.42 -8.13
C10 RJ8 B . -14.01 1.32 -9.49
C11 RJ8 B . -12.86 0.68 -9.74
C12 RJ8 B . -14.38 -1.36 -7.19
C13 RJ8 B . -13.47 -2.39 -6.98
CL CL C . 2.57 -8.95 -4.60
CL CL D . 3.36 4.81 -8.28
#